data_3O9K
#
_entry.id   3O9K
#
_cell.length_a   90.491
_cell.length_b   90.491
_cell.length_c   107.778
_cell.angle_alpha   90.00
_cell.angle_beta   90.00
_cell.angle_gamma   90.00
#
_symmetry.space_group_name_H-M   'I 4'
#
loop_
_entity.id
_entity.type
_entity.pdbx_description
1 polymer Neuraminidase
2 non-polymer '5-acetamido-2,6-anhydro-3,5-dideoxy-3-[(2E)-3-(4-methylphenyl)prop-2-en-1-yl]-D-glycero-D-galacto-non-2-enonic acid'
#
_entity_poly.entity_id   1
_entity_poly.type   'polypeptide(L)'
_entity_poly.pdbx_seq_one_letter_code
;TYMNNTEAICDAKGFAPFSKDNGIRIGSRGHIFVIREPFVSCSPIECRTFFLTQGSLLNDKHSNGTVKDRSPFRTLMSVE
VGQSPNVYQARFEAVAWSATACHDGKKWMTVGVTGPDSKAVAVIHYGGVPTDVVNSWAGDILRTQESSCTCIQGDCYWVM
TDGPANRQAQYRIYKANQGRIIGQTDISFNGGHIEECSCYPNDGKVECVCRDNWTGTNRPVLVISPDLSYRVGYLCAGIP
SDTPRGEDTQFTGSCTSPMGNQGYGVKGFGFRQGTDVWMGRTISRTSRSGFEILRIKNGWTQTSKEQIRKQVVVDNLNWS
GYSGSFTLPVELSGKDCLVPCFWVEMIRGKPEEKTIWTSSSSIVMCGVDYEVADWSWHDGAILPFDI
;
_entity_poly.pdbx_strand_id   A
#
# COMPACT_ATOMS: atom_id res chain seq x y z
N THR A 1 17.55 -13.24 -15.20
CA THR A 1 17.83 -11.85 -15.55
C THR A 1 17.11 -10.87 -14.64
N TYR A 2 17.88 -10.02 -13.96
CA TYR A 2 17.29 -9.00 -13.10
C TYR A 2 16.47 -7.95 -13.85
N MET A 3 15.60 -7.28 -13.11
CA MET A 3 14.80 -6.20 -13.65
C MET A 3 15.57 -4.89 -13.57
N ASN A 4 15.63 -4.14 -14.66
CA ASN A 4 16.10 -2.76 -14.64
C ASN A 4 14.90 -1.85 -14.40
N ASN A 5 14.72 -1.39 -13.16
CA ASN A 5 13.65 -0.44 -12.91
C ASN A 5 14.22 0.93 -12.65
N THR A 6 15.03 1.39 -13.60
CA THR A 6 15.79 2.63 -13.47
C THR A 6 15.11 3.76 -14.24
N GLU A 7 14.17 3.39 -15.10
CA GLU A 7 13.45 4.35 -15.95
C GLU A 7 12.63 5.38 -15.17
N ALA A 8 12.07 6.35 -15.87
CA ALA A 8 11.20 7.34 -15.25
C ALA A 8 9.77 6.81 -15.17
N ILE A 9 9.04 7.26 -14.16
CA ILE A 9 7.61 7.01 -14.09
C ILE A 9 6.91 7.71 -15.28
N CYS A 10 6.12 6.97 -16.04
CA CYS A 10 5.39 7.55 -17.18
C CYS A 10 4.55 8.72 -16.71
N ASP A 11 4.39 9.73 -17.58
CA ASP A 11 3.54 10.87 -17.27
C ASP A 11 2.12 10.57 -17.71
N ALA A 12 1.27 10.21 -16.76
CA ALA A 12 -0.07 9.71 -17.10
C ALA A 12 -1.14 10.79 -16.88
N LYS A 13 -2.10 10.86 -17.80
CA LYS A 13 -3.19 11.81 -17.70
C LYS A 13 -4.37 11.29 -16.90
N GLY A 14 -4.48 9.98 -16.75
CA GLY A 14 -5.66 9.39 -16.16
C GLY A 14 -5.46 7.92 -15.94
N PHE A 15 -6.45 7.25 -15.36
CA PHE A 15 -6.22 5.87 -14.92
C PHE A 15 -7.34 4.93 -15.36
N ALA A 16 -6.94 3.81 -15.93
CA ALA A 16 -7.90 2.86 -16.46
C ALA A 16 -7.97 1.69 -15.51
N PRO A 17 -9.17 1.10 -15.40
CA PRO A 17 -9.38 -0.11 -14.59
C PRO A 17 -8.48 -1.25 -15.07
N PHE A 18 -7.73 -1.86 -14.16
CA PHE A 18 -6.88 -2.99 -14.48
C PHE A 18 -7.67 -4.25 -14.17
N SER A 19 -8.08 -4.40 -12.91
CA SER A 19 -8.80 -5.59 -12.49
C SER A 19 -9.83 -5.31 -11.38
N LYS A 20 -10.75 -6.22 -11.17
CA LYS A 20 -11.61 -6.19 -10.01
C LYS A 20 -11.85 -7.65 -9.60
N ASP A 21 -11.68 -7.98 -8.33
CA ASP A 21 -11.75 -9.39 -7.93
C ASP A 21 -13.16 -9.86 -7.56
N ASN A 22 -14.01 -8.92 -7.13
CA ASN A 22 -15.37 -9.27 -6.71
C ASN A 22 -15.35 -10.31 -5.59
N GLY A 23 -14.25 -10.37 -4.86
CA GLY A 23 -14.03 -11.36 -3.84
C GLY A 23 -15.19 -11.61 -2.88
N ILE A 24 -15.75 -10.54 -2.33
CA ILE A 24 -16.79 -10.67 -1.31
C ILE A 24 -18.16 -11.08 -1.86
N ARG A 25 -18.54 -10.55 -3.01
CA ARG A 25 -19.73 -11.02 -3.69
C ARG A 25 -19.60 -12.50 -3.96
N ILE A 26 -18.44 -12.87 -4.50
CA ILE A 26 -18.17 -14.26 -4.87
C ILE A 26 -18.19 -15.16 -3.64
N GLY A 27 -17.60 -14.67 -2.55
CA GLY A 27 -17.48 -15.46 -1.33
C GLY A 27 -18.77 -15.67 -0.55
N SER A 28 -19.86 -15.08 -1.02
CA SER A 28 -21.16 -15.31 -0.44
C SER A 28 -21.56 -16.78 -0.57
N ARG A 29 -21.04 -17.46 -1.59
CA ARG A 29 -21.36 -18.87 -1.81
C ARG A 29 -20.10 -19.74 -2.02
N GLY A 30 -19.03 -19.11 -2.49
CA GLY A 30 -17.76 -19.79 -2.73
C GLY A 30 -16.84 -19.75 -1.53
N HIS A 31 -15.62 -20.26 -1.72
CA HIS A 31 -14.70 -20.40 -0.62
C HIS A 31 -13.57 -19.40 -0.71
N ILE A 32 -13.83 -18.24 -0.13
CA ILE A 32 -12.94 -17.09 -0.29
C ILE A 32 -12.39 -16.77 1.09
N PHE A 33 -11.13 -16.43 1.17
CA PHE A 33 -10.55 -16.04 2.44
C PHE A 33 -11.16 -14.72 2.86
N VAL A 34 -11.27 -14.49 4.16
CA VAL A 34 -11.53 -13.16 4.69
C VAL A 34 -10.17 -12.49 4.83
N ILE A 35 -9.98 -11.41 4.07
CA ILE A 35 -8.66 -10.79 3.93
C ILE A 35 -8.62 -9.33 4.35
N ARG A 36 -7.43 -8.77 4.30
CA ARG A 36 -7.21 -7.34 4.38
C ARG A 36 -5.99 -7.01 3.54
N GLU A 37 -5.82 -5.73 3.21
CA GLU A 37 -4.68 -5.28 2.41
C GLU A 37 -4.42 -6.10 1.14
N PRO A 38 -5.34 -6.05 0.16
CA PRO A 38 -5.11 -6.68 -1.14
C PRO A 38 -4.14 -5.92 -2.03
N PHE A 39 -2.88 -5.85 -1.64
CA PHE A 39 -1.90 -5.13 -2.46
C PHE A 39 -1.35 -5.90 -3.67
N VAL A 40 -0.75 -5.17 -4.60
CA VAL A 40 -0.38 -5.74 -5.90
C VAL A 40 1.10 -5.49 -6.18
N SER A 41 1.80 -6.50 -6.68
CA SER A 41 3.15 -6.31 -7.22
C SER A 41 3.28 -7.19 -8.45
N CYS A 42 4.27 -6.91 -9.30
CA CYS A 42 4.42 -7.57 -10.60
C CYS A 42 5.80 -8.19 -10.81
N SER A 43 5.83 -9.42 -11.32
CA SER A 43 7.06 -10.04 -11.76
C SER A 43 7.20 -9.63 -13.20
N PRO A 44 8.28 -10.06 -13.86
CA PRO A 44 8.34 -9.69 -15.28
C PRO A 44 7.33 -10.44 -16.15
N ILE A 45 6.44 -11.23 -15.55
CA ILE A 45 5.56 -12.11 -16.33
C ILE A 45 4.09 -11.98 -15.99
N GLU A 46 3.81 -11.64 -14.74
CA GLU A 46 2.44 -11.49 -14.25
C GLU A 46 2.41 -10.60 -13.01
N CYS A 47 1.26 -10.02 -12.73
CA CYS A 47 1.08 -9.26 -11.52
C CYS A 47 0.27 -10.11 -10.58
N ARG A 48 0.48 -9.94 -9.27
CA ARG A 48 -0.27 -10.72 -8.32
C ARG A 48 -0.88 -9.84 -7.25
N THR A 49 -1.98 -10.31 -6.69
CA THR A 49 -2.57 -9.67 -5.51
C THR A 49 -2.17 -10.39 -4.23
N PHE A 50 -1.35 -9.76 -3.40
CA PHE A 50 -1.05 -10.34 -2.11
C PHE A 50 -2.09 -9.92 -1.07
N PHE A 51 -2.26 -10.73 -0.05
CA PHE A 51 -3.24 -10.41 0.99
C PHE A 51 -2.94 -11.15 2.27
N LEU A 52 -3.35 -10.57 3.39
CA LEU A 52 -3.29 -11.24 4.67
C LEU A 52 -4.60 -11.96 4.94
N THR A 53 -4.55 -13.21 5.39
CA THR A 53 -5.75 -13.92 5.77
C THR A 53 -5.70 -14.23 7.25
N GLN A 54 -6.84 -14.58 7.82
CA GLN A 54 -6.90 -15.02 9.22
C GLN A 54 -7.05 -16.52 9.26
N GLY A 55 -6.81 -17.15 8.12
CA GLY A 55 -7.01 -18.57 7.98
C GLY A 55 -8.48 -18.95 7.90
N SER A 56 -9.36 -17.96 7.85
CA SER A 56 -10.79 -18.26 7.80
C SER A 56 -11.42 -18.02 6.45
N LEU A 57 -12.67 -18.47 6.29
CA LEU A 57 -13.39 -18.29 5.04
C LEU A 57 -14.66 -17.46 5.28
N LEU A 58 -15.06 -16.71 4.26
CA LEU A 58 -16.30 -15.94 4.33
C LEU A 58 -17.50 -16.85 4.54
N ASN A 59 -18.47 -16.38 5.33
CA ASN A 59 -19.65 -17.14 5.72
C ASN A 59 -19.34 -18.36 6.58
N ASP A 60 -18.38 -18.22 7.48
CA ASP A 60 -17.99 -19.31 8.36
C ASP A 60 -17.75 -18.76 9.76
N LYS A 61 -18.04 -19.58 10.75
CA LYS A 61 -17.89 -19.14 12.14
C LYS A 61 -16.52 -18.54 12.42
N HIS A 62 -15.50 -18.99 11.71
CA HIS A 62 -14.14 -18.51 11.99
C HIS A 62 -13.87 -17.10 11.49
N SER A 63 -14.78 -16.55 10.68
CA SER A 63 -14.66 -15.16 10.24
C SER A 63 -15.08 -14.20 11.36
N ASN A 64 -15.42 -14.80 12.49
CA ASN A 64 -15.95 -14.16 13.70
C ASN A 64 -15.33 -12.83 14.11
N GLY A 65 -14.12 -12.54 13.64
CA GLY A 65 -13.61 -11.17 13.69
C GLY A 65 -13.41 -10.54 15.07
N THR A 66 -13.75 -11.27 16.12
CA THR A 66 -13.30 -10.89 17.45
C THR A 66 -11.84 -11.32 17.52
N VAL A 67 -11.44 -12.17 16.57
CA VAL A 67 -10.06 -12.60 16.44
C VAL A 67 -9.15 -11.38 16.22
N LYS A 68 -7.92 -11.50 16.71
CA LYS A 68 -7.00 -10.35 16.76
C LYS A 68 -6.29 -10.12 15.43
N ASP A 69 -5.98 -8.86 15.13
CA ASP A 69 -5.20 -8.50 13.95
C ASP A 69 -3.87 -9.27 13.90
N ARG A 70 -3.11 -9.21 14.97
CA ARG A 70 -1.82 -9.86 15.00
C ARG A 70 -1.87 -11.26 15.61
N SER A 71 -2.72 -12.10 15.02
CA SER A 71 -2.96 -13.46 15.53
C SER A 71 -1.92 -14.45 15.03
N PRO A 72 -1.84 -15.61 15.70
CA PRO A 72 -0.93 -16.63 15.19
C PRO A 72 -1.37 -17.21 13.84
N PHE A 73 -2.62 -17.04 13.44
CA PHE A 73 -3.11 -17.62 12.18
C PHE A 73 -3.01 -16.71 10.95
N ARG A 74 -2.56 -15.48 11.16
CA ARG A 74 -2.48 -14.50 10.08
C ARG A 74 -1.38 -14.91 9.11
N THR A 75 -1.66 -14.88 7.80
CA THR A 75 -0.67 -15.29 6.80
C THR A 75 -0.76 -14.45 5.53
N LEU A 76 0.38 -14.29 4.87
CA LEU A 76 0.41 -13.70 3.55
C LEU A 76 0.29 -14.84 2.52
N MET A 77 -0.65 -14.70 1.59
CA MET A 77 -0.76 -15.58 0.45
C MET A 77 -0.99 -14.69 -0.78
N SER A 78 -1.21 -15.30 -1.95
CA SER A 78 -1.34 -14.51 -3.15
C SER A 78 -2.07 -15.21 -4.30
N VAL A 79 -2.74 -14.41 -5.14
CA VAL A 79 -3.33 -14.92 -6.37
C VAL A 79 -2.97 -14.02 -7.53
N GLU A 80 -3.28 -14.45 -8.73
CA GLU A 80 -3.08 -13.60 -9.90
C GLU A 80 -3.98 -12.39 -9.85
N VAL A 81 -3.44 -11.25 -10.23
CA VAL A 81 -4.18 -10.00 -10.16
C VAL A 81 -5.55 -10.18 -10.82
N GLY A 82 -6.60 -9.86 -10.08
CA GLY A 82 -7.95 -9.93 -10.59
C GLY A 82 -8.74 -11.14 -10.12
N GLN A 83 -8.02 -12.22 -9.81
CA GLN A 83 -8.67 -13.39 -9.26
C GLN A 83 -8.99 -13.09 -7.83
N SER A 84 -10.06 -13.68 -7.32
CA SER A 84 -10.43 -13.46 -5.92
C SER A 84 -9.42 -14.19 -5.05
N PRO A 85 -9.34 -13.82 -3.75
CA PRO A 85 -8.47 -14.61 -2.87
C PRO A 85 -9.16 -15.90 -2.42
N ASN A 86 -9.47 -16.78 -3.37
CA ASN A 86 -10.13 -18.04 -3.02
C ASN A 86 -9.09 -19.05 -2.57
N VAL A 87 -9.54 -20.05 -1.83
CA VAL A 87 -8.63 -21.08 -1.32
C VAL A 87 -7.92 -21.93 -2.38
N TYR A 88 -8.65 -22.41 -3.32
CA TYR A 88 -8.00 -23.20 -4.44
C TYR A 88 -6.80 -22.44 -5.29
N GLN A 89 -7.08 -21.34 -5.73
CA GLN A 89 -5.99 -20.51 -6.55
C GLN A 89 -4.81 -19.96 -5.69
N ALA A 90 -4.96 -19.90 -4.44
CA ALA A 90 -4.10 -19.21 -3.49
C ALA A 90 -2.73 -19.84 -3.41
N ARG A 91 -1.71 -19.00 -3.30
CA ARG A 91 -0.36 -19.48 -3.17
C ARG A 91 0.12 -19.02 -1.80
N PHE A 92 0.64 -19.94 -0.99
CA PHE A 92 1.16 -19.53 0.30
C PHE A 92 2.44 -18.71 0.17
N GLU A 93 2.50 -17.60 0.92
CA GLU A 93 3.64 -16.70 0.80
C GLU A 93 4.45 -16.62 2.11
N ALA A 94 3.78 -16.36 3.23
CA ALA A 94 4.49 -16.22 4.50
C ALA A 94 3.58 -16.17 5.72
N VAL A 95 4.11 -16.52 6.88
CA VAL A 95 3.44 -16.27 8.15
C VAL A 95 3.66 -14.79 8.49
N ALA A 96 2.57 -14.01 8.42
CA ALA A 96 2.66 -12.56 8.52
C ALA A 96 1.36 -11.93 9.02
N TRP A 97 1.45 -11.00 9.96
CA TRP A 97 0.35 -10.08 10.21
C TRP A 97 0.70 -8.67 9.72
N SER A 98 1.84 -8.57 9.04
CA SER A 98 2.21 -7.36 8.29
C SER A 98 3.24 -7.81 7.26
N ALA A 99 3.15 -7.26 6.05
CA ALA A 99 3.95 -7.78 4.94
C ALA A 99 4.26 -6.77 3.83
N THR A 100 5.32 -7.08 3.09
CA THR A 100 5.56 -6.46 1.78
C THR A 100 6.07 -7.54 0.82
N ALA A 101 5.82 -7.37 -0.48
CA ALA A 101 6.37 -8.30 -1.47
C ALA A 101 6.79 -7.56 -2.73
N CYS A 102 7.85 -8.07 -3.36
CA CYS A 102 8.30 -7.56 -4.65
C CYS A 102 9.08 -8.64 -5.36
N HIS A 103 9.11 -8.58 -6.68
CA HIS A 103 9.82 -9.55 -7.48
C HIS A 103 10.98 -8.78 -8.10
N ASP A 104 12.15 -9.40 -8.20
CA ASP A 104 13.34 -8.68 -8.65
C ASP A 104 13.69 -8.95 -10.11
N GLY A 105 12.95 -9.87 -10.73
CA GLY A 105 13.20 -10.23 -12.11
C GLY A 105 13.52 -11.69 -12.23
N LYS A 106 14.13 -12.23 -11.19
CA LYS A 106 14.40 -13.66 -11.11
C LYS A 106 13.35 -14.41 -10.28
N LYS A 107 13.14 -13.98 -9.03
CA LYS A 107 12.20 -14.67 -8.12
C LYS A 107 11.45 -13.66 -7.25
N TRP A 108 10.41 -14.12 -6.56
CA TRP A 108 9.70 -13.25 -5.62
C TRP A 108 10.37 -13.24 -4.27
N MET A 109 10.48 -12.05 -3.69
CA MET A 109 10.90 -11.92 -2.31
C MET A 109 9.74 -11.34 -1.52
N THR A 110 9.38 -11.98 -0.42
CA THR A 110 8.31 -11.46 0.40
C THR A 110 8.86 -11.30 1.79
N VAL A 111 8.14 -10.54 2.61
CA VAL A 111 8.56 -10.30 3.96
C VAL A 111 7.34 -10.37 4.88
N GLY A 112 7.23 -11.42 5.69
CA GLY A 112 6.15 -11.50 6.65
C GLY A 112 6.69 -11.22 8.04
N VAL A 113 5.94 -10.47 8.83
CA VAL A 113 6.33 -10.18 10.20
C VAL A 113 5.32 -10.87 11.08
N THR A 114 5.80 -11.61 12.06
CA THR A 114 4.90 -12.31 12.97
C THR A 114 5.57 -12.48 14.32
N GLY A 115 4.94 -13.25 15.20
CA GLY A 115 5.41 -13.32 16.57
C GLY A 115 4.77 -12.25 17.44
N PRO A 116 5.32 -12.05 18.64
CA PRO A 116 4.76 -11.15 19.64
C PRO A 116 5.17 -9.69 19.44
N ASP A 117 4.29 -8.78 19.82
CA ASP A 117 4.53 -7.33 19.75
C ASP A 117 5.90 -6.91 20.31
N SER A 118 6.24 -7.43 21.49
CA SER A 118 7.48 -7.05 22.17
C SER A 118 8.77 -7.57 21.49
N LYS A 119 8.65 -8.60 20.66
CA LYS A 119 9.82 -9.12 19.94
C LYS A 119 9.41 -9.83 18.66
N ALA A 120 8.79 -9.10 17.74
CA ALA A 120 8.35 -9.71 16.49
C ALA A 120 9.56 -10.12 15.66
N VAL A 121 9.37 -11.12 14.81
CA VAL A 121 10.37 -11.49 13.80
C VAL A 121 9.78 -11.21 12.42
N ALA A 122 10.61 -10.66 11.53
CA ALA A 122 10.23 -10.52 10.12
C ALA A 122 11.08 -11.45 9.27
N VAL A 123 10.42 -12.44 8.69
CA VAL A 123 11.06 -13.44 7.86
C VAL A 123 11.09 -12.98 6.42
N ILE A 124 12.27 -12.97 5.82
CA ILE A 124 12.42 -12.72 4.39
C ILE A 124 12.35 -14.02 3.58
N HIS A 125 11.50 -14.05 2.56
CA HIS A 125 11.39 -15.23 1.71
C HIS A 125 11.94 -14.91 0.33
N TYR A 126 12.66 -15.85 -0.25
CA TYR A 126 13.15 -15.69 -1.59
C TYR A 126 12.99 -16.97 -2.41
N GLY A 127 12.14 -16.90 -3.43
CA GLY A 127 11.86 -18.06 -4.23
C GLY A 127 11.02 -19.04 -3.43
N GLY A 128 10.27 -18.51 -2.47
CA GLY A 128 9.35 -19.31 -1.67
C GLY A 128 10.03 -20.15 -0.59
N VAL A 129 10.93 -19.52 0.16
CA VAL A 129 11.75 -20.21 1.14
C VAL A 129 12.42 -19.14 2.01
N PRO A 130 12.47 -19.36 3.34
CA PRO A 130 13.08 -18.27 4.12
C PRO A 130 14.57 -18.22 3.84
N THR A 131 15.10 -17.01 3.72
CA THR A 131 16.51 -16.83 3.44
C THR A 131 17.14 -15.92 4.48
N ASP A 132 16.32 -15.14 5.18
CA ASP A 132 16.86 -14.21 6.16
C ASP A 132 15.82 -13.64 7.14
N VAL A 133 16.29 -12.84 8.08
CA VAL A 133 15.47 -12.44 9.21
C VAL A 133 15.77 -11.03 9.72
N VAL A 134 14.77 -10.41 10.33
CA VAL A 134 14.94 -9.17 11.09
C VAL A 134 14.10 -9.25 12.36
N ASN A 135 14.72 -9.02 13.53
CA ASN A 135 13.98 -8.98 14.80
C ASN A 135 13.58 -7.57 15.21
N SER A 136 12.45 -7.44 15.89
CA SER A 136 12.03 -6.16 16.48
C SER A 136 13.27 -5.53 17.05
N TRP A 137 13.57 -4.29 16.64
CA TRP A 137 14.76 -3.60 17.11
C TRP A 137 14.40 -2.57 18.15
N ALA A 138 13.11 -2.47 18.44
CA ALA A 138 12.65 -1.48 19.38
C ALA A 138 11.48 -2.00 20.19
N GLY A 139 11.15 -3.27 20.04
CA GLY A 139 10.20 -3.92 20.93
C GLY A 139 8.76 -3.42 20.92
N ASP A 140 8.28 -2.91 19.80
CA ASP A 140 6.95 -2.31 19.75
C ASP A 140 6.28 -2.52 18.40
N ILE A 141 5.69 -3.70 18.22
CA ILE A 141 5.01 -4.07 16.97
C ILE A 141 5.78 -3.65 15.72
N LEU A 142 6.89 -4.34 15.44
CA LEU A 142 7.59 -4.19 14.16
C LEU A 142 6.59 -4.35 12.98
N ARG A 143 6.74 -3.52 11.95
CA ARG A 143 5.77 -3.49 10.85
C ARG A 143 6.35 -2.86 9.58
N THR A 144 5.61 -2.98 8.47
CA THR A 144 6.13 -2.60 7.14
C THR A 144 5.03 -2.11 6.18
N GLN A 145 5.33 -2.09 4.89
CA GLN A 145 4.52 -1.34 3.91
C GLN A 145 3.06 -1.74 3.74
N GLU A 146 2.77 -3.04 3.70
CA GLU A 146 1.44 -3.52 3.28
C GLU A 146 1.16 -3.13 1.82
N SER A 147 2.21 -3.10 1.01
CA SER A 147 2.14 -2.64 -0.38
C SER A 147 3.40 -3.15 -1.04
N SER A 148 3.45 -3.13 -2.37
CA SER A 148 4.66 -3.61 -3.07
C SER A 148 5.94 -2.92 -2.61
N CYS A 149 6.96 -3.73 -2.30
CA CYS A 149 8.33 -3.23 -2.09
C CYS A 149 8.99 -3.00 -3.45
N THR A 150 10.27 -2.61 -3.46
CA THR A 150 10.83 -2.07 -4.70
C THR A 150 12.20 -2.62 -5.09
N CYS A 151 12.26 -3.26 -6.25
CA CYS A 151 13.51 -3.87 -6.73
C CYS A 151 14.12 -3.09 -7.89
N ILE A 152 15.34 -2.62 -7.69
CA ILE A 152 16.09 -1.87 -8.70
C ILE A 152 17.41 -2.59 -8.99
N GLN A 153 17.56 -3.06 -10.21
CA GLN A 153 18.76 -3.80 -10.60
C GLN A 153 19.19 -4.87 -9.57
N GLY A 154 18.30 -5.82 -9.29
CA GLY A 154 18.66 -6.99 -8.49
C GLY A 154 18.58 -6.83 -6.98
N ASP A 155 18.54 -5.57 -6.52
CA ASP A 155 18.47 -5.28 -5.08
C ASP A 155 17.14 -4.66 -4.68
N CYS A 156 16.52 -5.21 -3.64
CA CYS A 156 15.20 -4.76 -3.23
C CYS A 156 15.22 -3.96 -1.92
N TYR A 157 14.41 -2.90 -1.89
CA TYR A 157 14.36 -1.98 -0.77
C TYR A 157 12.94 -1.89 -0.22
N TRP A 158 12.80 -1.91 1.10
CA TRP A 158 11.52 -1.59 1.70
C TRP A 158 11.76 -0.88 3.03
N VAL A 159 10.69 -0.40 3.63
CA VAL A 159 10.75 0.42 4.83
C VAL A 159 9.97 -0.23 5.96
N MET A 160 10.49 -0.14 7.18
CA MET A 160 9.81 -0.70 8.34
C MET A 160 9.80 0.31 9.48
N THR A 161 8.86 0.09 10.41
CA THR A 161 8.61 0.93 11.55
C THR A 161 8.57 0.06 12.81
N ASP A 162 9.35 0.42 13.82
CA ASP A 162 9.24 -0.22 15.12
C ASP A 162 9.04 0.86 16.19
N GLY A 163 7.86 0.92 16.78
CA GLY A 163 7.56 1.93 17.78
C GLY A 163 6.08 2.14 17.98
N PRO A 164 5.71 3.18 18.76
CA PRO A 164 4.31 3.56 19.02
C PRO A 164 3.57 3.96 17.74
N ALA A 165 2.25 3.80 17.77
CA ALA A 165 1.42 4.12 16.62
C ALA A 165 1.15 5.63 16.59
N ASN A 166 0.94 6.21 17.78
CA ASN A 166 0.82 7.65 17.90
C ASN A 166 2.20 8.31 17.98
N ARG A 167 2.59 8.78 19.15
CA ARG A 167 3.88 9.46 19.35
C ARG A 167 5.07 9.04 18.45
N GLN A 168 6.25 9.56 18.75
CA GLN A 168 7.44 9.29 17.95
C GLN A 168 7.77 7.79 17.95
N ALA A 169 8.13 7.25 16.78
CA ALA A 169 8.59 5.89 16.63
C ALA A 169 9.92 5.87 15.88
N GLN A 170 10.28 4.70 15.38
CA GLN A 170 11.56 4.53 14.69
C GLN A 170 11.33 3.93 13.32
N TYR A 171 12.19 4.27 12.37
CA TYR A 171 11.95 3.93 10.97
C TYR A 171 13.28 3.56 10.32
N ARG A 172 13.27 2.54 9.48
CA ARG A 172 14.49 2.08 8.86
C ARG A 172 14.25 1.71 7.42
N ILE A 173 15.31 1.78 6.63
CA ILE A 173 15.29 1.28 5.26
C ILE A 173 16.16 0.03 5.18
N TYR A 174 15.65 -1.00 4.52
CA TYR A 174 16.39 -2.23 4.35
C TYR A 174 16.66 -2.48 2.88
N LYS A 175 17.78 -3.15 2.61
CA LYS A 175 18.18 -3.47 1.24
C LYS A 175 18.66 -4.92 1.10
N ALA A 176 17.93 -5.72 0.33
CA ALA A 176 18.27 -7.13 0.14
C ALA A 176 18.68 -7.49 -1.28
N ASN A 177 19.51 -8.51 -1.38
CA ASN A 177 19.76 -9.16 -2.66
C ASN A 177 19.46 -10.66 -2.53
N GLN A 178 18.76 -11.21 -3.52
CA GLN A 178 18.43 -12.63 -3.50
C GLN A 178 18.00 -13.09 -2.11
N GLY A 179 17.24 -12.25 -1.41
CA GLY A 179 16.66 -12.62 -0.14
C GLY A 179 17.59 -12.45 1.05
N ARG A 180 18.81 -11.98 0.80
CA ARG A 180 19.76 -11.69 1.87
C ARG A 180 19.87 -10.18 2.17
N ILE A 181 19.60 -9.82 3.42
CA ILE A 181 19.78 -8.45 3.84
C ILE A 181 21.23 -8.02 3.68
N ILE A 182 21.46 -6.93 2.96
CA ILE A 182 22.82 -6.45 2.72
C ILE A 182 23.07 -5.00 3.10
N GLY A 183 22.09 -4.37 3.74
CA GLY A 183 22.23 -2.99 4.13
C GLY A 183 21.01 -2.47 4.86
N GLN A 184 21.23 -1.56 5.79
CA GLN A 184 20.10 -0.96 6.48
C GLN A 184 20.43 0.43 6.97
N THR A 185 19.41 1.26 7.14
CA THR A 185 19.61 2.62 7.60
C THR A 185 18.54 3.06 8.57
N ASP A 186 18.92 3.85 9.56
CA ASP A 186 17.96 4.49 10.42
C ASP A 186 17.55 5.78 9.75
N ILE A 187 16.28 6.12 9.90
CA ILE A 187 15.71 7.30 9.27
C ILE A 187 15.40 8.36 10.30
N SER A 188 16.15 9.46 10.27
CA SER A 188 15.96 10.53 11.24
C SER A 188 14.78 11.40 10.84
N PHE A 189 13.82 11.56 11.74
CA PHE A 189 12.56 12.21 11.38
C PHE A 189 11.83 12.62 12.64
N ASN A 190 12.48 13.43 13.47
CA ASN A 190 11.89 13.91 14.71
C ASN A 190 10.70 14.83 14.44
N GLY A 191 9.58 14.59 15.13
CA GLY A 191 8.35 15.28 14.81
C GLY A 191 7.56 14.52 13.76
N GLY A 192 8.29 13.82 12.90
CA GLY A 192 7.69 13.05 11.81
C GLY A 192 7.38 11.62 12.18
N HIS A 193 6.41 11.04 11.48
CA HIS A 193 5.92 9.67 11.70
C HIS A 193 5.61 8.96 10.37
N ILE A 194 6.08 7.72 10.25
CA ILE A 194 6.03 6.96 8.99
C ILE A 194 5.50 5.53 9.15
N GLU A 195 4.55 5.16 8.30
CA GLU A 195 3.89 3.88 8.38
C GLU A 195 3.35 3.51 7.01
N GLU A 196 3.26 2.20 6.75
CA GLU A 196 2.55 1.72 5.59
C GLU A 196 2.91 2.46 4.30
N CYS A 197 4.20 2.48 4.00
CA CYS A 197 4.67 3.22 2.85
C CYS A 197 4.22 2.62 1.53
N SER A 198 3.81 3.50 0.63
CA SER A 198 3.51 3.13 -0.74
C SER A 198 4.65 3.64 -1.59
N CYS A 199 5.39 2.70 -2.17
CA CYS A 199 6.66 2.98 -2.82
C CYS A 199 6.61 2.49 -4.24
N TYR A 200 7.39 3.15 -5.10
CA TYR A 200 7.55 2.75 -6.49
C TYR A 200 8.96 3.18 -6.85
N PRO A 201 9.47 2.73 -8.01
CA PRO A 201 10.79 3.18 -8.46
C PRO A 201 10.66 4.40 -9.34
N ASN A 202 11.71 5.21 -9.47
CA ASN A 202 11.67 6.41 -10.30
C ASN A 202 13.05 7.01 -10.45
N ASP A 203 13.49 7.22 -11.69
CA ASP A 203 14.80 7.78 -11.96
C ASP A 203 15.86 7.05 -11.14
N GLY A 204 15.76 5.73 -11.06
CA GLY A 204 16.77 4.94 -10.37
C GLY A 204 16.78 5.01 -8.84
N LYS A 205 15.87 5.77 -8.26
CA LYS A 205 15.71 5.85 -6.80
C LYS A 205 14.37 5.29 -6.41
N VAL A 206 14.14 5.15 -5.11
CA VAL A 206 12.88 4.62 -4.61
C VAL A 206 12.09 5.72 -3.93
N GLU A 207 10.87 5.96 -4.41
CA GLU A 207 10.04 7.00 -3.84
C GLU A 207 8.83 6.39 -3.13
N CYS A 208 8.58 6.85 -1.92
CA CYS A 208 7.42 6.39 -1.14
C CYS A 208 6.60 7.56 -0.64
N VAL A 209 5.31 7.30 -0.46
CA VAL A 209 4.40 8.23 0.16
C VAL A 209 3.69 7.45 1.26
N CYS A 210 3.99 7.79 2.50
CA CYS A 210 3.68 6.90 3.60
C CYS A 210 2.51 7.42 4.44
N ARG A 211 2.43 6.96 5.68
CA ARG A 211 1.32 7.35 6.56
C ARG A 211 1.82 7.88 7.90
N ASP A 212 1.39 9.09 8.23
CA ASP A 212 1.66 9.68 9.53
C ASP A 212 0.43 9.49 10.43
N ASN A 213 0.61 8.69 11.49
CA ASN A 213 -0.48 8.30 12.37
C ASN A 213 -0.43 9.09 13.66
N TRP A 214 0.50 10.04 13.71
CA TRP A 214 0.78 10.83 14.91
C TRP A 214 0.12 12.18 14.83
N THR A 215 0.55 12.97 13.86
CA THR A 215 0.35 14.40 13.90
C THR A 215 -0.06 15.07 12.57
N GLY A 216 0.26 14.44 11.44
CA GLY A 216 0.03 15.05 10.13
C GLY A 216 -1.06 14.47 9.24
N THR A 217 -1.79 15.36 8.58
CA THR A 217 -2.84 14.97 7.63
C THR A 217 -2.34 15.10 6.21
N ASN A 218 -1.11 15.58 6.06
CA ASN A 218 -0.36 15.41 4.82
C ASN A 218 0.48 14.15 4.98
N ARG A 219 1.02 13.66 3.88
CA ARG A 219 1.69 12.36 3.90
C ARG A 219 3.20 12.51 3.88
N PRO A 220 3.88 11.69 4.68
CA PRO A 220 5.34 11.73 4.61
C PRO A 220 5.79 11.25 3.26
N VAL A 221 6.94 11.74 2.84
CA VAL A 221 7.57 11.30 1.61
C VAL A 221 9.04 11.05 1.92
N LEU A 222 9.58 9.95 1.41
CA LEU A 222 11.02 9.81 1.40
C LEU A 222 11.48 9.37 0.02
N VAL A 223 12.77 9.53 -0.24
CA VAL A 223 13.35 9.17 -1.53
C VAL A 223 14.67 8.47 -1.27
N ILE A 224 14.72 7.17 -1.57
CA ILE A 224 15.88 6.37 -1.22
C ILE A 224 16.84 6.14 -2.37
N SER A 225 18.11 6.51 -2.18
CA SER A 225 19.22 6.20 -3.06
C SER A 225 19.61 4.73 -2.88
N PRO A 226 20.32 4.16 -3.86
CA PRO A 226 20.71 2.74 -3.83
C PRO A 226 21.82 2.51 -2.82
N ASP A 227 22.38 3.60 -2.34
CA ASP A 227 23.37 3.57 -1.25
C ASP A 227 22.73 3.75 0.13
N LEU A 228 21.40 3.76 0.16
CA LEU A 228 20.62 3.92 1.39
C LEU A 228 20.74 5.29 2.05
N SER A 229 21.46 6.20 1.42
CA SER A 229 21.31 7.61 1.76
C SER A 229 19.95 8.04 1.21
N TYR A 230 19.31 8.99 1.90
CA TYR A 230 17.92 9.30 1.62
C TYR A 230 17.59 10.76 1.88
N ARG A 231 16.52 11.24 1.24
CA ARG A 231 15.89 12.48 1.64
C ARG A 231 14.56 12.07 2.24
N VAL A 232 14.04 12.87 3.15
CA VAL A 232 12.74 12.55 3.74
C VAL A 232 12.06 13.85 4.12
N GLY A 233 10.73 13.83 4.15
CA GLY A 233 9.97 15.03 4.47
C GLY A 233 8.49 14.80 4.24
N TYR A 234 7.77 15.86 3.87
CA TYR A 234 6.38 15.67 3.48
C TYR A 234 6.14 16.04 2.01
N LEU A 235 5.01 15.54 1.50
CA LEU A 235 4.53 15.83 0.16
C LEU A 235 4.09 17.30 0.17
N CYS A 236 4.70 18.09 -0.70
CA CYS A 236 4.61 19.53 -0.57
C CYS A 236 3.19 20.02 -0.76
N ALA A 237 2.45 19.37 -1.65
CA ALA A 237 1.16 19.91 -2.11
C ALA A 237 0.35 20.48 -0.94
N GLY A 238 -0.30 21.61 -1.19
CA GLY A 238 -1.02 22.31 -0.13
C GLY A 238 -2.38 21.73 0.08
N ILE A 239 -2.52 20.45 -0.26
CA ILE A 239 -3.76 19.73 -0.09
C ILE A 239 -3.54 18.45 0.74
N PRO A 240 -4.32 18.29 1.81
CA PRO A 240 -4.23 17.14 2.73
C PRO A 240 -4.76 15.86 2.08
N SER A 241 -4.08 14.73 2.27
CA SER A 241 -4.54 13.50 1.64
C SER A 241 -4.64 12.32 2.61
N ASP A 242 -4.45 12.58 3.89
CA ASP A 242 -4.62 11.54 4.91
C ASP A 242 -6.11 11.40 5.25
N THR A 243 -6.47 10.39 6.03
CA THR A 243 -7.86 10.29 6.54
C THR A 243 -7.84 9.83 7.99
N PRO A 244 -8.44 10.63 8.91
CA PRO A 244 -9.18 11.87 8.66
C PRO A 244 -8.29 13.09 8.45
N ARG A 245 -8.92 14.21 8.08
CA ARG A 245 -8.21 15.40 7.63
C ARG A 245 -9.23 16.53 7.53
N GLY A 246 -8.76 17.76 7.33
CA GLY A 246 -9.66 18.89 7.28
C GLY A 246 -9.87 19.40 5.86
N GLU A 247 -10.66 20.46 5.70
CA GLU A 247 -10.86 21.07 4.39
C GLU A 247 -9.52 21.46 3.75
N ASP A 248 -9.48 21.48 2.43
CA ASP A 248 -8.27 21.83 1.70
C ASP A 248 -7.92 23.29 1.93
N THR A 249 -8.99 24.07 1.91
CA THR A 249 -8.88 25.47 2.36
C THR A 249 -8.25 25.67 3.75
N GLN A 250 -8.95 25.21 4.76
CA GLN A 250 -8.47 25.35 6.13
C GLN A 250 -7.00 24.89 6.20
N PHE A 251 -6.20 24.67 5.00
CA PHE A 251 -5.06 23.76 4.84
C PHE A 251 -3.78 24.52 4.53
N THR A 252 -2.65 23.91 4.92
CA THR A 252 -1.32 24.50 4.60
C THR A 252 -0.48 23.38 3.94
N GLY A 253 0.38 23.77 3.02
CA GLY A 253 1.26 22.82 2.31
C GLY A 253 2.65 22.91 2.94
N SER A 254 3.11 21.78 3.49
CA SER A 254 4.40 21.74 4.19
C SER A 254 5.30 20.68 3.55
N CYS A 255 6.47 20.98 2.68
CA CYS A 255 7.44 19.99 2.21
C CYS A 255 8.20 19.41 3.38
N THR A 256 7.98 19.99 4.55
CA THR A 256 8.93 19.84 5.63
C THR A 256 8.40 19.12 6.89
N SER A 257 7.12 19.31 7.20
CA SER A 257 6.64 19.00 8.52
C SER A 257 5.18 18.63 8.54
N PRO A 258 4.76 17.85 9.52
CA PRO A 258 3.35 17.51 9.56
C PRO A 258 2.48 18.76 9.74
N MET A 259 1.00 18.69 9.17
CA MET A 259 0.38 20.01 8.88
C MET A 259 -0.90 20.23 9.71
N GLY A 260 -1.66 19.20 9.92
CA GLY A 260 -2.93 19.35 10.62
C GLY A 260 -2.87 18.77 12.01
N ASN A 261 -3.76 19.24 12.84
CA ASN A 261 -3.84 18.70 14.20
C ASN A 261 -4.08 17.16 14.23
N GLN A 262 -5.12 16.66 13.50
CA GLN A 262 -5.51 15.25 13.44
C GLN A 262 -4.40 14.23 13.71
N GLY A 263 -4.75 13.23 14.52
CA GLY A 263 -3.91 12.06 14.64
C GLY A 263 -4.49 11.03 13.68
N TYR A 264 -3.91 9.85 13.68
CA TYR A 264 -4.46 8.78 12.88
C TYR A 264 -4.33 9.04 11.38
N GLY A 265 -4.70 8.01 10.63
CA GLY A 265 -4.65 8.06 9.19
C GLY A 265 -5.06 6.75 8.56
N VAL A 266 -4.65 6.56 7.31
CA VAL A 266 -4.90 5.36 6.57
C VAL A 266 -3.77 5.27 5.57
N LYS A 267 -3.50 4.06 5.06
CA LYS A 267 -2.47 3.87 4.05
C LYS A 267 -2.93 4.52 2.75
N GLY A 268 -2.01 5.26 2.13
CA GLY A 268 -2.29 5.95 0.88
C GLY A 268 -1.07 5.97 -0.01
N PHE A 269 -1.18 6.63 -1.15
CA PHE A 269 -0.15 6.55 -2.16
C PHE A 269 -0.11 7.86 -2.94
N GLY A 270 0.86 7.96 -3.82
CA GLY A 270 1.02 9.14 -4.64
C GLY A 270 2.14 8.89 -5.62
N PHE A 271 2.00 9.47 -6.81
CA PHE A 271 3.02 9.36 -7.84
C PHE A 271 3.56 10.71 -8.27
N ARG A 272 4.87 10.83 -8.21
CA ARG A 272 5.59 11.99 -8.72
C ARG A 272 5.50 12.05 -10.24
N GLN A 273 5.05 13.20 -10.73
CA GLN A 273 4.95 13.47 -12.15
C GLN A 273 5.81 14.68 -12.47
N GLY A 274 7.09 14.45 -12.72
CA GLY A 274 8.03 15.54 -12.85
C GLY A 274 8.05 16.32 -11.55
N THR A 275 7.24 17.38 -11.53
CA THR A 275 7.13 18.26 -10.38
C THR A 275 5.73 18.16 -9.79
N ASP A 276 4.78 17.74 -10.62
CA ASP A 276 3.40 17.54 -10.21
C ASP A 276 3.31 16.24 -9.41
N VAL A 277 2.17 16.00 -8.76
CA VAL A 277 1.92 14.69 -8.16
C VAL A 277 0.50 14.21 -8.36
N TRP A 278 0.38 12.92 -8.63
CA TRP A 278 -0.91 12.24 -8.50
C TRP A 278 -1.05 11.77 -7.06
N MET A 279 -1.99 12.37 -6.34
CA MET A 279 -2.26 11.93 -4.96
C MET A 279 -3.63 11.28 -4.85
N GLY A 280 -3.71 10.22 -4.07
CA GLY A 280 -4.97 9.57 -3.82
C GLY A 280 -5.51 9.94 -2.46
N ARG A 281 -6.82 9.86 -2.30
CA ARG A 281 -7.41 10.09 -1.01
C ARG A 281 -8.83 9.61 -1.01
N THR A 282 -9.35 9.31 0.17
CA THR A 282 -10.75 8.95 0.32
C THR A 282 -11.54 10.23 0.03
N ILE A 283 -12.78 10.09 -0.41
CA ILE A 283 -13.58 11.27 -0.65
C ILE A 283 -14.01 11.90 0.68
N SER A 284 -14.53 11.09 1.59
CA SER A 284 -14.91 11.61 2.90
C SER A 284 -13.66 12.03 3.66
N ARG A 285 -13.67 13.23 4.22
CA ARG A 285 -12.55 13.71 5.03
C ARG A 285 -12.47 13.00 6.39
N THR A 286 -13.50 12.23 6.71
CA THR A 286 -13.63 11.70 8.07
C THR A 286 -13.69 10.16 8.10
N SER A 287 -14.41 9.58 7.16
CA SER A 287 -14.49 8.14 7.08
C SER A 287 -13.80 7.60 5.82
N ARG A 288 -13.47 6.31 5.85
CA ARG A 288 -12.86 5.67 4.69
C ARG A 288 -13.91 5.29 3.67
N SER A 289 -14.47 6.28 3.00
CA SER A 289 -15.48 6.00 1.98
C SER A 289 -15.18 6.78 0.72
N GLY A 290 -15.57 6.24 -0.43
CA GLY A 290 -15.27 6.87 -1.71
C GLY A 290 -13.77 6.95 -1.89
N PHE A 291 -13.33 7.10 -3.14
CA PHE A 291 -11.90 7.23 -3.42
C PHE A 291 -11.71 8.01 -4.71
N GLU A 292 -10.87 9.03 -4.64
CA GLU A 292 -10.58 9.81 -5.81
C GLU A 292 -9.08 9.99 -5.92
N ILE A 293 -8.66 10.58 -7.03
CA ILE A 293 -7.24 10.79 -7.29
C ILE A 293 -7.05 12.11 -8.02
N LEU A 294 -6.32 13.03 -7.37
CA LEU A 294 -6.13 14.38 -7.85
C LEU A 294 -4.73 14.56 -8.41
N ARG A 295 -4.60 15.31 -9.51
CA ARG A 295 -3.27 15.74 -9.95
C ARG A 295 -3.05 17.20 -9.60
N ILE A 296 -1.94 17.47 -8.93
CA ILE A 296 -1.62 18.81 -8.45
C ILE A 296 -0.36 19.34 -9.10
N LYS A 297 -0.43 20.55 -9.66
CA LYS A 297 0.70 21.08 -10.40
C LYS A 297 1.79 21.52 -9.45
N ASN A 298 3.00 21.06 -9.70
CA ASN A 298 4.11 21.38 -8.81
C ASN A 298 3.88 20.91 -7.38
N GLY A 299 3.11 19.85 -7.23
CA GLY A 299 2.73 19.38 -5.91
C GLY A 299 3.82 18.58 -5.24
N TRP A 300 4.73 18.03 -6.04
CA TRP A 300 5.83 17.26 -5.47
C TRP A 300 6.81 18.20 -4.81
N THR A 301 7.02 19.36 -5.46
CA THR A 301 8.05 20.28 -5.05
C THR A 301 7.57 21.62 -4.44
N GLN A 302 6.27 21.86 -4.42
CA GLN A 302 5.80 23.13 -3.88
C GLN A 302 4.51 22.99 -3.10
N THR A 303 4.19 24.01 -2.33
CA THR A 303 3.02 24.00 -1.49
C THR A 303 1.76 24.26 -2.32
N SER A 304 1.79 23.77 -3.56
CA SER A 304 0.74 24.04 -4.55
C SER A 304 -0.62 23.42 -4.22
N LYS A 305 -1.66 24.11 -4.64
CA LYS A 305 -3.01 23.59 -4.52
C LYS A 305 -3.75 23.75 -5.84
N GLU A 306 -3.00 23.73 -6.93
CA GLU A 306 -3.53 23.78 -8.30
C GLU A 306 -3.89 22.41 -8.90
N GLN A 307 -5.17 22.03 -8.80
CA GLN A 307 -5.71 20.82 -9.46
C GLN A 307 -5.73 20.87 -10.98
N ILE A 308 -5.01 19.97 -11.64
CA ILE A 308 -5.14 19.85 -13.09
C ILE A 308 -6.20 18.82 -13.46
N ARG A 309 -6.33 17.63 -12.49
CA ARG A 309 -7.26 16.62 -12.75
C ARG A 309 -7.86 16.09 -11.47
N LYS A 310 -9.18 15.76 -11.52
CA LYS A 310 -9.83 15.07 -10.28
C LYS A 310 -10.43 13.80 -10.96
N GLN A 311 -10.22 12.58 -10.57
CA GLN A 311 -10.80 11.40 -11.20
C GLN A 311 -11.32 10.47 -10.13
N VAL A 312 -12.64 10.29 -10.07
CA VAL A 312 -13.24 9.38 -9.12
C VAL A 312 -13.26 7.91 -9.60
N VAL A 313 -13.05 7.01 -8.65
CA VAL A 313 -12.94 5.58 -8.94
C VAL A 313 -13.89 4.81 -8.03
N VAL A 314 -14.10 5.36 -6.84
CA VAL A 314 -15.13 4.87 -5.93
C VAL A 314 -15.94 6.08 -5.44
N ASP A 315 -17.26 6.03 -5.56
CA ASP A 315 -18.08 7.16 -5.16
C ASP A 315 -18.31 7.18 -3.65
N ASN A 316 -18.65 8.35 -3.12
CA ASN A 316 -18.69 8.51 -1.68
C ASN A 316 -19.94 7.94 -1.00
N LEU A 317 -20.63 7.04 -1.70
CA LEU A 317 -21.74 6.31 -1.12
C LEU A 317 -21.22 4.91 -0.85
N ASN A 318 -19.92 4.75 -1.05
CA ASN A 318 -19.33 3.42 -0.99
C ASN A 318 -18.03 3.38 -0.18
N TRP A 319 -17.76 2.23 0.40
CA TRP A 319 -16.62 2.06 1.28
C TRP A 319 -15.33 1.87 0.50
N SER A 320 -14.28 2.52 1.00
CA SER A 320 -12.95 2.31 0.46
C SER A 320 -12.05 1.87 1.62
N GLY A 321 -10.80 2.31 1.61
CA GLY A 321 -9.85 1.87 2.60
C GLY A 321 -8.41 2.06 2.15
N TYR A 322 -7.55 1.11 2.51
CA TYR A 322 -6.15 1.18 2.13
C TYR A 322 -5.99 1.38 0.64
N SER A 323 -4.86 1.94 0.23
CA SER A 323 -4.57 2.14 -1.19
C SER A 323 -3.06 2.03 -1.26
N GLY A 324 -2.52 1.66 -2.42
CA GLY A 324 -1.07 1.52 -2.53
C GLY A 324 -0.53 1.59 -3.94
N SER A 325 0.79 1.75 -4.06
CA SER A 325 1.42 1.94 -5.35
C SER A 325 2.15 0.72 -5.83
N PHE A 326 2.32 0.64 -7.15
CA PHE A 326 3.17 -0.36 -7.75
C PHE A 326 3.39 0.00 -9.21
N THR A 327 4.42 -0.59 -9.78
CA THR A 327 4.83 -0.23 -11.11
C THR A 327 4.60 -1.41 -12.04
N LEU A 328 4.39 -1.15 -13.32
CA LEU A 328 4.35 -2.21 -14.32
C LEU A 328 5.74 -2.45 -14.91
N PRO A 329 6.25 -3.67 -14.77
CA PRO A 329 7.50 -3.98 -15.45
C PRO A 329 7.48 -3.52 -16.91
N VAL A 330 8.54 -2.84 -17.31
CA VAL A 330 8.74 -2.54 -18.71
C VAL A 330 8.56 -3.84 -19.54
N GLU A 331 9.10 -4.94 -19.03
CA GLU A 331 9.06 -6.20 -19.77
C GLU A 331 7.65 -6.71 -20.03
N LEU A 332 6.60 -6.30 -19.53
CA LEU A 332 5.17 -6.30 -19.84
C LEU A 332 4.57 -4.99 -20.46
N SER A 333 4.73 -3.86 -19.92
CA SER A 333 3.97 -2.64 -20.49
C SER A 333 4.45 -2.38 -21.91
N GLY A 334 5.58 -2.79 -22.26
CA GLY A 334 6.18 -2.54 -23.56
C GLY A 334 6.77 -1.14 -23.64
N LYS A 335 6.29 -0.23 -22.80
CA LYS A 335 6.76 1.15 -22.79
C LYS A 335 8.24 1.27 -22.40
N ASP A 336 8.71 2.51 -22.33
CA ASP A 336 10.11 2.79 -22.04
C ASP A 336 10.21 3.54 -20.71
N CYS A 337 9.04 3.81 -20.14
CA CYS A 337 8.92 4.37 -18.79
C CYS A 337 8.14 3.39 -17.92
N LEU A 338 8.19 3.58 -16.61
CA LEU A 338 7.49 2.71 -15.66
C LEU A 338 6.05 3.16 -15.40
N VAL A 339 5.09 2.41 -15.93
CA VAL A 339 3.68 2.79 -15.83
C VAL A 339 3.17 2.73 -14.39
N PRO A 340 2.75 3.87 -13.84
CA PRO A 340 2.35 3.87 -12.43
C PRO A 340 0.98 3.23 -12.25
N CYS A 341 0.81 2.40 -11.23
CA CYS A 341 -0.47 1.76 -10.95
C CYS A 341 -0.77 1.77 -9.47
N PHE A 342 -2.02 1.54 -9.10
CA PHE A 342 -2.38 1.51 -7.68
C PHE A 342 -3.61 0.67 -7.42
N TRP A 343 -3.72 0.18 -6.20
CA TRP A 343 -4.86 -0.63 -5.83
C TRP A 343 -5.64 0.12 -4.76
N VAL A 344 -6.95 -0.12 -4.72
CA VAL A 344 -7.81 0.45 -3.72
C VAL A 344 -8.54 -0.67 -3.01
N GLU A 345 -8.37 -0.76 -1.70
CA GLU A 345 -9.04 -1.77 -0.90
C GLU A 345 -10.42 -1.26 -0.50
N MET A 346 -11.43 -2.12 -0.60
CA MET A 346 -12.79 -1.71 -0.26
C MET A 346 -13.30 -2.64 0.83
N ILE A 347 -13.59 -2.07 2.00
CA ILE A 347 -13.83 -2.85 3.21
C ILE A 347 -15.32 -2.97 3.56
N ARG A 348 -15.74 -4.18 3.93
CA ARG A 348 -17.14 -4.45 4.25
C ARG A 348 -17.23 -5.18 5.57
N GLY A 349 -18.31 -4.95 6.30
CA GLY A 349 -18.49 -5.57 7.61
C GLY A 349 -18.10 -4.60 8.71
N LYS A 350 -17.65 -5.13 9.85
CA LYS A 350 -17.23 -4.30 10.98
C LYS A 350 -16.12 -3.33 10.57
N PRO A 351 -16.13 -2.10 11.12
CA PRO A 351 -16.99 -1.56 12.17
C PRO A 351 -18.25 -0.87 11.65
N GLU A 352 -18.17 -0.29 10.45
CA GLU A 352 -19.29 0.43 9.85
C GLU A 352 -20.48 -0.44 9.42
N GLU A 353 -20.57 -1.78 9.74
CA GLU A 353 -21.53 -2.74 9.19
C GLU A 353 -22.02 -3.68 10.27
N LYS A 354 -23.19 -4.22 10.01
CA LYS A 354 -23.88 -5.07 11.00
C LYS A 354 -23.30 -6.46 11.20
N THR A 355 -22.37 -6.93 10.90
CA THR A 355 -21.80 -8.23 10.56
C THR A 355 -20.85 -8.65 11.68
N ILE A 356 -20.52 -9.93 11.73
CA ILE A 356 -19.57 -10.44 12.73
C ILE A 356 -18.16 -10.38 12.18
N TRP A 357 -18.04 -9.97 10.93
CA TRP A 357 -16.82 -10.21 10.18
C TRP A 357 -16.41 -8.99 9.39
N THR A 358 -15.15 -8.99 8.96
CA THR A 358 -14.63 -7.90 8.16
C THR A 358 -13.64 -8.43 7.14
N SER A 359 -13.84 -8.05 5.88
CA SER A 359 -12.93 -8.35 4.82
C SER A 359 -12.92 -7.18 3.85
N SER A 360 -12.36 -7.39 2.66
CA SER A 360 -12.31 -6.33 1.66
C SER A 360 -12.14 -6.93 0.28
N SER A 361 -12.69 -6.27 -0.73
CA SER A 361 -12.35 -6.64 -2.10
C SER A 361 -11.46 -5.53 -2.63
N SER A 362 -10.94 -5.68 -3.84
CA SER A 362 -10.06 -4.68 -4.36
C SER A 362 -10.42 -4.30 -5.77
N ILE A 363 -9.73 -3.26 -6.25
CA ILE A 363 -9.85 -2.79 -7.62
C ILE A 363 -8.56 -2.04 -8.00
N VAL A 364 -8.06 -2.31 -9.20
CA VAL A 364 -6.71 -1.93 -9.60
C VAL A 364 -6.72 -1.03 -10.84
N MET A 365 -5.90 0.02 -10.84
CA MET A 365 -5.89 1.00 -11.95
C MET A 365 -4.49 1.24 -12.50
N CYS A 366 -4.37 1.65 -13.76
CA CYS A 366 -3.04 1.81 -14.35
C CYS A 366 -2.85 2.97 -15.34
N GLY A 367 -1.77 3.70 -15.10
CA GLY A 367 -1.11 4.55 -16.11
C GLY A 367 -1.98 5.22 -17.15
N VAL A 368 -1.80 4.90 -18.42
CA VAL A 368 -2.69 5.44 -19.46
C VAL A 368 -2.49 6.93 -19.80
N ASP A 369 -2.47 7.24 -21.11
CA ASP A 369 -2.24 8.59 -21.60
C ASP A 369 -3.51 9.34 -21.93
N TYR A 370 -4.57 9.12 -21.17
CA TYR A 370 -5.84 9.76 -21.49
C TYR A 370 -6.64 10.03 -20.24
N GLU A 371 -7.46 11.07 -20.29
CA GLU A 371 -8.46 11.28 -19.27
C GLU A 371 -9.43 10.10 -19.27
N VAL A 372 -9.64 9.50 -18.11
CA VAL A 372 -10.69 8.50 -18.01
C VAL A 372 -11.86 9.00 -17.16
N ALA A 373 -13.08 8.77 -17.63
CA ALA A 373 -14.27 9.28 -16.96
C ALA A 373 -14.40 8.81 -15.51
N ASP A 374 -15.15 9.57 -14.73
CA ASP A 374 -15.40 9.23 -13.36
C ASP A 374 -16.39 8.08 -13.30
N TRP A 375 -16.11 7.11 -12.42
CA TRP A 375 -17.10 6.08 -12.14
C TRP A 375 -16.87 5.54 -10.75
N SER A 376 -17.73 4.63 -10.32
CA SER A 376 -17.46 3.90 -9.09
C SER A 376 -17.48 2.40 -9.37
N TRP A 377 -16.31 1.76 -9.21
CA TRP A 377 -16.25 0.31 -9.23
C TRP A 377 -16.23 -0.20 -7.78
N HIS A 378 -17.30 0.08 -7.04
CA HIS A 378 -17.37 -0.29 -5.63
C HIS A 378 -17.48 -1.80 -5.42
N ASP A 379 -17.42 -2.20 -4.15
CA ASP A 379 -17.36 -3.62 -3.78
C ASP A 379 -18.51 -4.47 -4.33
N GLY A 380 -19.73 -4.12 -3.96
CA GLY A 380 -20.91 -4.80 -4.48
C GLY A 380 -21.64 -5.78 -3.57
N ALA A 381 -20.98 -6.28 -2.54
CA ALA A 381 -21.58 -7.33 -1.73
C ALA A 381 -22.85 -6.90 -1.01
N ILE A 382 -23.82 -7.80 -0.94
CA ILE A 382 -25.11 -7.57 -0.30
C ILE A 382 -25.08 -8.00 1.15
N LEU A 383 -24.71 -7.11 2.07
CA LEU A 383 -24.61 -7.49 3.49
C LEU A 383 -25.96 -7.38 4.22
N PRO A 384 -26.11 -8.15 5.31
CA PRO A 384 -25.13 -9.10 5.84
C PRO A 384 -25.27 -10.46 5.17
N PHE A 385 -24.42 -11.42 5.54
CA PHE A 385 -24.43 -12.76 4.94
C PHE A 385 -25.09 -13.78 5.86
N ASP A 386 -25.41 -14.95 5.32
CA ASP A 386 -25.99 -16.06 6.09
C ASP A 386 -25.38 -16.16 7.49
N ILE A 387 -24.15 -15.66 7.63
CA ILE A 387 -23.50 -15.44 8.92
C ILE A 387 -22.73 -16.65 9.40
#